data_2Z2W
#
_entry.id   2Z2W
#
_cell.length_a   69.747
_cell.length_b   69.747
_cell.length_c   157.215
_cell.angle_alpha   90.00
_cell.angle_beta   90.00
_cell.angle_gamma   90.00
#
_symmetry.space_group_name_H-M   'P 41 21 2'
#
loop_
_entity.id
_entity.type
_entity.pdbx_description
1 polymer 'Wee1-like protein kinase'
2 non-polymer 'CHLORIDE ION'
3 non-polymer N-[4-(2-CHLOROPHENYL)-1,3-DIOXO-1,2,3,6-TETRAHYDROPYRROLO[3,4-C]CARBAZOL-9-YL]FORMAMIDE
4 non-polymer GLYCEROL
5 water water
#
_entity_poly.entity_id   1
_entity_poly.type   'polypeptide(L)'
_entity_poly.pdbx_seq_one_letter_code
;MKSRYTTEFHELEKIGSGEFGSVFKCVKRLDGCIYAIKRSKKPLAGSVDEQNALREVYAHAVLGQHSHVVRYFSAWAEDD
HMLIQNEYCNGGSLADAISENYRIMSYFKEAELKDLLLQVGRGLRYIHSMSLVHMDIKPSNIFISRTSIPNAASEEGDED
DWASNKVMFKIGDLGHVTRISSPQVEEGDSRFLANEVLQENYTHLPKADIFALALTVV(CSO)AAGAEPLPRNGDQWHEI
RQGRLPRIPQVLSQEFTELLKVMIHPDPERRPSAMALVKHSVLLSASRK
;
_entity_poly.pdbx_strand_id   A
#
# COMPACT_ATOMS: atom_id res chain seq x y z
N MET A 1 30.40 13.85 -14.87
CA MET A 1 29.35 13.53 -13.84
C MET A 1 28.21 14.54 -13.69
N LYS A 2 27.87 14.86 -12.43
CA LYS A 2 26.85 15.85 -12.05
C LYS A 2 25.44 15.55 -12.61
N SER A 3 24.81 14.54 -12.03
CA SER A 3 23.42 14.28 -12.31
C SER A 3 22.57 15.32 -11.62
N ARG A 4 21.35 15.48 -12.16
CA ARG A 4 20.26 16.16 -11.49
C ARG A 4 20.14 15.72 -10.00
N TYR A 5 20.14 14.41 -9.74
CA TYR A 5 20.04 13.90 -8.39
C TYR A 5 21.04 14.50 -7.41
N THR A 6 22.29 14.62 -7.86
CA THR A 6 23.45 15.10 -7.08
C THR A 6 23.46 16.61 -6.92
N THR A 7 23.13 17.30 -8.00
CA THR A 7 23.02 18.76 -8.06
C THR A 7 21.80 19.38 -7.30
N GLU A 8 20.68 18.68 -7.35
CA GLU A 8 19.44 19.21 -6.86
C GLU A 8 19.19 18.80 -5.42
N PHE A 9 19.72 17.64 -5.02
CA PHE A 9 19.47 17.10 -3.69
C PHE A 9 20.75 16.86 -2.86
N HIS A 10 20.58 16.97 -1.53
CA HIS A 10 21.51 16.43 -0.57
C HIS A 10 20.95 15.12 -0.02
N GLU A 11 21.63 14.01 -0.28
CA GLU A 11 21.24 12.71 0.23
C GLU A 11 21.59 12.61 1.70
N LEU A 12 20.60 12.31 2.55
CA LEU A 12 20.78 12.30 4.03
C LEU A 12 21.00 10.90 4.59
N GLU A 13 20.22 9.94 4.15
CA GLU A 13 20.44 8.56 4.57
C GLU A 13 19.67 7.65 3.64
N LYS A 14 20.03 6.37 3.65
CA LYS A 14 19.32 5.34 2.94
C LYS A 14 18.27 4.81 3.92
N ILE A 15 17.04 4.68 3.45
CA ILE A 15 15.87 4.37 4.28
C ILE A 15 15.14 3.13 3.75
N GLY A 16 15.57 2.67 2.59
CA GLY A 16 14.90 1.63 1.89
C GLY A 16 15.93 1.11 0.94
N SER A 17 15.83 -0.19 0.64
CA SER A 17 16.96 -1.03 0.26
C SER A 17 16.28 -2.25 -0.32
N GLY A 18 16.45 -2.49 -1.62
CA GLY A 18 15.54 -3.43 -2.31
C GLY A 18 16.12 -4.28 -3.43
N GLU A 19 15.23 -5.09 -4.02
CA GLU A 19 15.49 -5.87 -5.24
C GLU A 19 15.68 -4.91 -6.42
N PHE A 20 14.56 -4.33 -6.87
CA PHE A 20 14.56 -3.17 -7.76
C PHE A 20 14.49 -1.90 -6.89
N GLY A 21 15.67 -1.28 -6.73
CA GLY A 21 15.79 0.10 -6.20
C GLY A 21 15.88 0.39 -4.71
N SER A 22 17.00 1.05 -4.33
CA SER A 22 17.08 1.87 -3.10
C SER A 22 16.29 3.20 -3.01
N VAL A 23 15.88 3.53 -1.79
CA VAL A 23 15.20 4.77 -1.45
C VAL A 23 16.03 5.60 -0.48
N PHE A 24 16.16 6.90 -0.76
CA PHE A 24 16.88 7.82 0.11
C PHE A 24 16.01 8.91 0.61
N LYS A 25 16.37 9.38 1.80
CA LYS A 25 15.82 10.57 2.43
C LYS A 25 16.78 11.70 1.98
N CYS A 26 16.26 12.70 1.30
CA CYS A 26 17.08 13.76 0.71
C CYS A 26 16.45 15.12 0.93
N VAL A 27 17.28 16.16 0.97
CA VAL A 27 16.82 17.55 1.04
C VAL A 27 17.06 18.22 -0.29
N LYS A 28 16.01 18.80 -0.87
CA LYS A 28 16.15 19.53 -2.08
C LYS A 28 16.81 20.83 -1.75
N ARG A 29 17.92 21.11 -2.40
CA ARG A 29 18.74 22.28 -2.03
C ARG A 29 18.00 23.62 -2.27
N LEU A 30 17.22 23.69 -3.33
CA LEU A 30 16.53 24.94 -3.65
C LEU A 30 15.35 25.25 -2.71
N ASP A 31 14.50 24.27 -2.39
CA ASP A 31 13.30 24.56 -1.61
C ASP A 31 13.38 24.29 -0.07
N GLY A 32 14.49 23.67 0.38
CA GLY A 32 14.70 23.33 1.74
C GLY A 32 13.98 22.07 2.23
N CYS A 33 13.21 21.36 1.38
CA CYS A 33 12.38 20.26 1.88
C CYS A 33 13.00 18.91 1.70
N ILE A 34 12.59 18.03 2.60
CA ILE A 34 12.86 16.60 2.59
C ILE A 34 11.88 15.81 1.77
N TYR A 35 12.46 14.92 0.94
CA TYR A 35 11.72 14.06 -0.01
C TYR A 35 12.20 12.63 0.10
N ALA A 36 11.38 11.65 -0.31
CA ALA A 36 11.86 10.24 -0.31
C ALA A 36 12.10 9.96 -1.78
N ILE A 37 13.29 9.51 -2.12
CA ILE A 37 13.61 9.38 -3.51
C ILE A 37 13.97 7.95 -3.84
N LYS A 38 13.29 7.37 -4.80
CA LYS A 38 13.61 6.02 -5.17
C LYS A 38 14.49 6.02 -6.44
N ARG A 39 15.64 5.38 -6.34
CA ARG A 39 16.58 5.32 -7.45
C ARG A 39 16.62 3.84 -7.81
N SER A 40 16.04 3.50 -8.96
CA SER A 40 15.94 2.10 -9.42
C SER A 40 16.74 1.86 -10.72
N LYS A 41 17.15 0.62 -11.00
CA LYS A 41 17.85 0.35 -12.29
C LYS A 41 16.93 0.61 -13.53
N LYS A 42 17.39 1.43 -14.49
CA LYS A 42 16.61 1.82 -15.70
C LYS A 42 16.39 0.61 -16.66
N PRO A 43 15.12 0.15 -16.84
CA PRO A 43 14.88 -1.13 -17.55
C PRO A 43 15.24 -1.07 -19.02
N LEU A 44 15.48 -2.26 -19.60
CA LEU A 44 16.02 -2.44 -20.99
C LEU A 44 15.65 -1.44 -22.12
N ALA A 45 14.41 -0.88 -22.05
CA ALA A 45 13.83 0.13 -23.01
C ALA A 45 13.02 -0.45 -24.19
N GLY A 46 11.71 -0.12 -24.20
CA GLY A 46 10.70 -0.87 -24.95
C GLY A 46 10.29 -2.19 -24.29
N SER A 47 10.90 -2.49 -23.14
CA SER A 47 10.73 -3.79 -22.47
C SER A 47 9.44 -3.83 -21.64
N VAL A 48 8.93 -5.05 -21.42
CA VAL A 48 7.83 -5.32 -20.48
C VAL A 48 8.13 -4.69 -19.11
N ASP A 49 9.41 -4.71 -18.75
CA ASP A 49 9.84 -4.25 -17.45
C ASP A 49 9.76 -2.71 -17.41
N GLU A 50 10.02 -2.06 -18.54
CA GLU A 50 9.95 -0.60 -18.65
C GLU A 50 8.52 -0.08 -18.57
N GLN A 51 7.57 -0.82 -19.15
CA GLN A 51 6.15 -0.49 -19.11
C GLN A 51 5.64 -0.54 -17.69
N ASN A 52 6.11 -1.55 -16.96
CA ASN A 52 5.73 -1.69 -15.58
C ASN A 52 6.36 -0.55 -14.73
N ALA A 53 7.58 -0.13 -15.05
CA ALA A 53 8.21 0.96 -14.34
C ALA A 53 7.53 2.30 -14.62
N LEU A 54 7.03 2.49 -15.84
CA LEU A 54 6.34 3.71 -16.26
C LEU A 54 4.88 3.80 -15.74
N ARG A 55 4.18 2.66 -15.53
CA ARG A 55 2.87 2.71 -14.82
C ARG A 55 2.97 3.29 -13.45
N GLU A 56 4.09 3.07 -12.75
CA GLU A 56 4.24 3.64 -11.41
C GLU A 56 4.27 5.18 -11.50
N VAL A 57 5.04 5.73 -12.46
CA VAL A 57 5.15 7.12 -12.78
C VAL A 57 3.79 7.68 -13.22
N TYR A 58 3.11 7.00 -14.19
CA TYR A 58 1.80 7.39 -14.62
C TYR A 58 0.79 7.32 -13.48
N ALA A 59 0.78 6.21 -12.71
CA ALA A 59 -0.06 6.13 -11.54
C ALA A 59 0.11 7.34 -10.55
N HIS A 60 1.32 7.56 -10.09
CA HIS A 60 1.65 8.65 -9.18
C HIS A 60 1.25 9.96 -9.71
N ALA A 61 1.37 10.16 -11.02
CA ALA A 61 1.06 11.44 -11.64
C ALA A 61 -0.43 11.77 -11.86
N VAL A 62 -1.34 10.81 -11.61
CA VAL A 62 -2.78 11.11 -11.54
C VAL A 62 -3.26 10.89 -10.08
N LEU A 63 -2.42 10.36 -9.21
CA LEU A 63 -2.85 10.15 -7.87
C LEU A 63 -2.15 11.17 -6.93
N GLY A 64 -2.01 12.42 -7.42
CA GLY A 64 -1.31 13.51 -6.70
C GLY A 64 -2.18 14.49 -5.89
N GLN A 65 -3.45 14.23 -5.77
CA GLN A 65 -4.32 15.24 -5.13
C GLN A 65 -4.87 14.71 -3.80
N HIS A 66 -4.43 13.54 -3.36
CA HIS A 66 -5.14 12.93 -2.19
C HIS A 66 -4.35 12.90 -0.93
N SER A 67 -4.99 13.26 0.20
CA SER A 67 -4.38 13.21 1.54
C SER A 67 -3.93 11.82 1.96
N HIS A 68 -4.49 10.76 1.38
CA HIS A 68 -4.20 9.39 1.82
C HIS A 68 -3.50 8.55 0.82
N VAL A 69 -2.92 9.24 -0.15
CA VAL A 69 -1.95 8.68 -1.08
C VAL A 69 -0.70 9.55 -1.00
N VAL A 70 0.47 8.92 -0.82
CA VAL A 70 1.79 9.61 -0.91
C VAL A 70 1.87 10.55 -2.15
N ARG A 71 2.14 11.82 -1.97
CA ARG A 71 2.23 12.76 -3.09
C ARG A 71 3.54 12.55 -3.90
N TYR A 72 3.45 12.78 -5.19
CA TYR A 72 4.49 12.64 -6.12
C TYR A 72 4.96 14.06 -6.49
N PHE A 73 6.28 14.27 -6.66
CA PHE A 73 6.80 15.59 -7.19
C PHE A 73 7.43 15.55 -8.56
N SER A 74 8.30 14.59 -8.83
CA SER A 74 8.95 14.50 -10.17
C SER A 74 9.49 13.11 -10.34
N ALA A 75 9.83 12.80 -11.57
CA ALA A 75 10.50 11.59 -11.90
C ALA A 75 11.36 11.93 -13.12
N TRP A 76 12.50 11.28 -13.22
CA TRP A 76 13.38 11.47 -14.36
C TRP A 76 14.30 10.26 -14.50
N ALA A 77 15.16 10.36 -15.48
CA ALA A 77 16.03 9.27 -15.96
C ALA A 77 17.38 9.87 -16.21
N GLU A 78 18.40 9.22 -15.67
CA GLU A 78 19.77 9.58 -15.96
C GLU A 78 20.65 8.44 -15.55
N ASP A 79 21.72 8.26 -16.32
CA ASP A 79 22.63 7.10 -16.21
C ASP A 79 21.89 5.88 -16.74
N ASP A 80 21.78 4.90 -15.84
CA ASP A 80 21.10 3.65 -16.04
C ASP A 80 20.15 3.59 -14.88
N HIS A 81 19.71 4.77 -14.41
CA HIS A 81 18.72 4.83 -13.35
C HIS A 81 17.46 5.63 -13.71
N MET A 82 16.34 5.14 -13.15
CA MET A 82 15.13 5.90 -13.00
C MET A 82 15.00 6.38 -11.56
N LEU A 83 14.60 7.65 -11.38
CA LEU A 83 14.35 8.27 -10.08
C LEU A 83 12.90 8.77 -9.95
N ILE A 84 12.23 8.46 -8.86
CA ILE A 84 10.97 9.12 -8.53
C ILE A 84 11.12 9.89 -7.15
N GLN A 85 10.72 11.17 -7.12
CA GLN A 85 10.85 12.02 -5.94
C GLN A 85 9.44 12.15 -5.35
N ASN A 86 9.23 11.62 -4.12
CA ASN A 86 7.93 11.55 -3.47
C ASN A 86 7.90 12.31 -2.14
N GLU A 87 6.71 12.62 -1.65
CA GLU A 87 6.51 13.05 -0.25
C GLU A 87 7.28 12.13 0.75
N TYR A 88 8.12 12.74 1.61
CA TYR A 88 8.71 12.06 2.78
C TYR A 88 7.70 12.00 3.94
N CYS A 89 7.42 10.78 4.38
CA CYS A 89 6.52 10.59 5.52
C CYS A 89 7.39 10.29 6.68
N ASN A 90 7.40 11.20 7.62
CA ASN A 90 8.33 11.07 8.71
C ASN A 90 8.07 10.01 9.79
N GLY A 91 6.86 9.41 9.87
CA GLY A 91 6.68 8.27 10.82
C GLY A 91 7.05 6.90 10.27
N GLY A 92 7.57 6.84 9.05
CA GLY A 92 7.97 5.56 8.43
C GLY A 92 6.81 4.72 8.01
N SER A 93 7.02 3.43 7.82
CA SER A 93 5.92 2.51 7.37
C SER A 93 5.10 2.00 8.50
N LEU A 94 3.83 1.66 8.20
CA LEU A 94 3.03 0.87 9.10
C LEU A 94 3.67 -0.45 9.53
N ALA A 95 4.38 -1.14 8.64
CA ALA A 95 5.07 -2.37 9.02
C ALA A 95 6.05 -2.19 10.19
N ASP A 96 6.74 -1.06 10.28
CA ASP A 96 7.68 -0.94 11.40
C ASP A 96 6.96 -0.57 12.67
N ALA A 97 5.90 0.25 12.56
CA ALA A 97 5.02 0.50 13.68
C ALA A 97 4.46 -0.85 14.26
N ILE A 98 3.97 -1.73 13.40
CA ILE A 98 3.47 -3.03 13.82
C ILE A 98 4.53 -3.94 14.46
N SER A 99 5.69 -3.99 13.82
CA SER A 99 6.82 -4.68 14.33
C SER A 99 7.24 -4.18 15.73
N GLU A 100 7.22 -2.88 15.98
CA GLU A 100 7.57 -2.37 17.29
C GLU A 100 6.48 -2.73 18.30
N ASN A 101 5.20 -2.61 17.90
CA ASN A 101 4.07 -3.03 18.73
C ASN A 101 4.11 -4.50 19.16
N TYR A 102 4.55 -5.37 18.25
CA TYR A 102 4.67 -6.78 18.45
C TYR A 102 5.65 -7.13 19.61
N ARG A 103 6.76 -6.38 19.68
CA ARG A 103 7.81 -6.63 20.65
C ARG A 103 7.38 -6.11 22.02
N ILE A 104 6.62 -5.03 22.06
CA ILE A 104 6.20 -4.46 23.33
C ILE A 104 4.85 -5.00 23.89
N MET A 105 4.11 -5.81 23.08
CA MET A 105 2.79 -6.35 23.41
C MET A 105 1.73 -5.22 23.61
N SER A 106 1.82 -4.18 22.81
CA SER A 106 0.84 -3.10 22.85
C SER A 106 0.48 -2.76 21.42
N TYR A 107 -0.73 -3.05 21.00
CA TYR A 107 -1.07 -3.05 19.60
C TYR A 107 -1.91 -1.81 19.30
N PHE A 108 -2.40 -1.64 18.07
CA PHE A 108 -3.45 -0.61 17.83
C PHE A 108 -4.75 -1.01 18.52
N LYS A 109 -5.34 -0.08 19.21
CA LYS A 109 -6.59 -0.27 19.86
C LYS A 109 -7.73 -0.16 18.83
N GLU A 110 -8.92 -0.65 19.14
CA GLU A 110 -10.03 -0.62 18.22
C GLU A 110 -10.29 0.74 17.60
N ALA A 111 -10.25 1.85 18.35
CA ALA A 111 -10.39 3.17 17.79
C ALA A 111 -9.30 3.59 16.76
N GLU A 112 -8.04 3.19 17.02
CA GLU A 112 -6.92 3.43 16.14
C GLU A 112 -6.98 2.58 14.85
N LEU A 113 -7.38 1.33 14.99
CA LEU A 113 -7.66 0.42 13.87
C LEU A 113 -8.81 0.88 12.91
N LYS A 114 -9.92 1.39 13.48
CA LYS A 114 -11.00 2.07 12.74
C LYS A 114 -10.50 3.29 11.96
N ASP A 115 -9.71 4.14 12.61
CA ASP A 115 -9.05 5.27 11.99
C ASP A 115 -8.09 4.85 10.84
N LEU A 116 -7.19 3.89 11.07
CA LEU A 116 -6.37 3.29 10.00
C LEU A 116 -7.23 2.79 8.82
N LEU A 117 -8.25 2.01 9.14
CA LEU A 117 -9.17 1.38 8.15
C LEU A 117 -9.91 2.40 7.31
N LEU A 118 -10.47 3.39 7.99
CA LEU A 118 -11.09 4.54 7.37
C LEU A 118 -10.15 5.40 6.48
N GLN A 119 -8.99 5.84 7.03
CA GLN A 119 -7.99 6.59 6.23
C GLN A 119 -7.53 5.87 4.92
N VAL A 120 -7.10 4.62 5.04
CA VAL A 120 -6.57 3.88 3.88
C VAL A 120 -7.72 3.66 2.93
N GLY A 121 -8.92 3.44 3.50
CA GLY A 121 -10.14 3.25 2.71
C GLY A 121 -10.51 4.49 1.88
N ARG A 122 -10.38 5.68 2.44
CA ARG A 122 -10.49 6.95 1.65
C ARG A 122 -9.43 7.01 0.52
N GLY A 123 -8.14 6.71 0.83
CA GLY A 123 -7.15 6.47 -0.17
C GLY A 123 -7.60 5.57 -1.29
N LEU A 124 -8.05 4.36 -0.97
CA LEU A 124 -8.60 3.42 -1.97
C LEU A 124 -9.81 3.89 -2.72
N ARG A 125 -10.76 4.55 -2.02
CA ARG A 125 -11.94 5.13 -2.67
C ARG A 125 -11.52 6.03 -3.88
N TYR A 126 -10.57 6.91 -3.66
CA TYR A 126 -10.00 7.77 -4.67
C TYR A 126 -9.26 7.03 -5.80
N ILE A 127 -8.38 6.10 -5.45
CA ILE A 127 -7.71 5.29 -6.47
C ILE A 127 -8.73 4.64 -7.36
N HIS A 128 -9.71 3.98 -6.73
CA HIS A 128 -10.71 3.27 -7.47
C HIS A 128 -11.60 4.18 -8.31
N SER A 129 -11.74 5.45 -7.91
CA SER A 129 -12.63 6.32 -8.69
C SER A 129 -11.91 6.84 -9.93
N MET A 130 -10.59 6.60 -9.98
CA MET A 130 -9.72 6.88 -11.13
C MET A 130 -9.59 5.67 -12.05
N SER A 131 -10.47 4.67 -11.82
CA SER A 131 -10.50 3.43 -12.54
C SER A 131 -9.14 2.70 -12.51
N LEU A 132 -8.50 2.77 -11.35
CA LEU A 132 -7.19 2.14 -11.10
C LEU A 132 -7.40 1.26 -9.88
N VAL A 133 -6.56 0.23 -9.73
CA VAL A 133 -6.41 -0.48 -8.48
C VAL A 133 -4.96 -0.54 -8.10
N HIS A 134 -4.71 -0.67 -6.82
CA HIS A 134 -3.37 -0.67 -6.24
C HIS A 134 -2.59 -2.02 -6.38
N MET A 135 -3.23 -3.10 -5.95
CA MET A 135 -2.72 -4.44 -6.17
C MET A 135 -1.60 -4.87 -5.27
N ASP A 136 -1.17 -4.01 -4.33
CA ASP A 136 -0.17 -4.40 -3.29
C ASP A 136 -0.34 -3.66 -1.96
N ILE A 137 -1.59 -3.59 -1.50
CA ILE A 137 -1.90 -3.08 -0.15
C ILE A 137 -1.31 -3.98 0.98
N LYS A 138 -0.42 -3.42 1.82
CA LYS A 138 0.23 -4.17 2.89
C LYS A 138 0.86 -3.13 3.76
N PRO A 139 1.16 -3.51 5.00
CA PRO A 139 1.77 -2.52 5.92
C PRO A 139 3.07 -1.83 5.48
N SER A 140 3.96 -2.49 4.75
CA SER A 140 5.16 -1.86 4.31
C SER A 140 4.92 -0.87 3.17
N ASN A 141 3.68 -0.81 2.60
CA ASN A 141 3.30 0.16 1.59
C ASN A 141 2.37 1.20 2.15
N ILE A 142 2.23 1.28 3.47
CA ILE A 142 1.39 2.34 4.06
C ILE A 142 2.36 3.15 4.90
N PHE A 143 2.37 4.47 4.73
CA PHE A 143 3.31 5.32 5.42
C PHE A 143 2.59 6.24 6.35
N ILE A 144 3.34 6.68 7.37
CA ILE A 144 2.76 7.41 8.45
C ILE A 144 3.40 8.79 8.47
N SER A 145 2.61 9.81 8.69
CA SER A 145 3.06 11.20 8.65
C SER A 145 2.52 11.91 9.93
N LYS A 166 -2.66 14.41 15.00
CA LYS A 166 -3.30 13.38 14.14
C LYS A 166 -2.22 12.62 13.36
N VAL A 167 -2.11 11.31 13.49
CA VAL A 167 -1.36 10.58 12.48
C VAL A 167 -2.18 10.50 11.20
N MET A 168 -1.48 10.50 10.08
CA MET A 168 -2.09 10.32 8.78
C MET A 168 -1.47 9.08 8.21
N PHE A 169 -2.33 8.26 7.62
CA PHE A 169 -1.88 7.06 6.90
C PHE A 169 -1.98 7.36 5.40
N LYS A 170 -0.90 7.06 4.69
CA LYS A 170 -0.83 7.29 3.24
C LYS A 170 -0.44 6.07 2.48
N ILE A 171 -1.22 5.67 1.49
CA ILE A 171 -0.83 4.63 0.56
C ILE A 171 0.38 5.07 -0.33
N GLY A 172 1.47 4.27 -0.35
CA GLY A 172 2.57 4.49 -1.24
C GLY A 172 2.87 3.22 -2.00
N ASP A 173 4.02 3.26 -2.67
CA ASP A 173 4.44 2.17 -3.55
C ASP A 173 3.38 1.71 -4.57
N LEU A 174 3.26 2.56 -5.62
CA LEU A 174 2.34 2.41 -6.71
C LEU A 174 2.86 1.49 -7.81
N GLY A 175 3.85 0.67 -7.50
CA GLY A 175 4.48 -0.25 -8.44
C GLY A 175 3.61 -1.38 -8.99
N HIS A 176 2.42 -1.69 -8.44
CA HIS A 176 1.59 -2.76 -9.01
C HIS A 176 0.28 -2.18 -9.56
N VAL A 177 0.14 -0.86 -9.50
CA VAL A 177 -1.07 -0.18 -9.92
C VAL A 177 -1.36 -0.54 -11.35
N THR A 178 -2.64 -0.87 -11.60
CA THR A 178 -3.11 -1.13 -12.95
C THR A 178 -4.52 -0.47 -13.08
N ARG A 179 -4.98 -0.24 -14.30
CA ARG A 179 -6.42 -0.04 -14.56
C ARG A 179 -7.33 -1.20 -14.11
N ILE A 180 -8.50 -0.82 -13.61
CA ILE A 180 -9.46 -1.71 -13.05
C ILE A 180 -9.95 -2.87 -13.99
N SER A 181 -10.12 -2.61 -15.29
CA SER A 181 -10.51 -3.67 -16.22
C SER A 181 -9.32 -4.34 -16.91
N SER A 182 -8.20 -4.45 -16.21
CA SER A 182 -6.94 -4.90 -16.84
C SER A 182 -6.98 -6.43 -17.07
N PRO A 183 -6.63 -6.91 -18.28
CA PRO A 183 -6.65 -8.35 -18.51
C PRO A 183 -5.41 -9.12 -18.02
N GLN A 184 -4.33 -8.40 -17.79
CA GLN A 184 -3.10 -8.90 -17.20
C GLN A 184 -2.85 -8.15 -15.93
N VAL A 185 -2.50 -8.90 -14.90
CA VAL A 185 -2.17 -8.31 -13.59
C VAL A 185 -0.80 -8.80 -13.02
N GLU A 186 -0.01 -7.88 -12.46
CA GLU A 186 1.12 -8.28 -11.58
C GLU A 186 0.54 -8.48 -10.17
N GLU A 187 0.63 -9.73 -9.71
CA GLU A 187 0.03 -10.14 -8.46
C GLU A 187 0.90 -9.53 -7.34
N GLY A 188 0.22 -9.01 -6.31
CA GLY A 188 0.86 -8.51 -5.10
C GLY A 188 1.37 -9.58 -4.13
N ASP A 189 1.85 -9.12 -2.98
CA ASP A 189 2.38 -10.01 -1.91
C ASP A 189 1.42 -11.15 -1.61
N SER A 190 1.92 -12.40 -1.60
CA SER A 190 1.14 -13.63 -1.23
C SER A 190 0.29 -13.59 0.04
N ARG A 191 0.82 -12.89 1.05
CA ARG A 191 0.27 -12.91 2.36
C ARG A 191 -1.01 -12.09 2.38
N PHE A 192 -1.15 -11.18 1.42
CA PHE A 192 -2.29 -10.25 1.30
C PHE A 192 -3.15 -10.54 0.06
N LEU A 193 -2.82 -11.59 -0.67
CA LEU A 193 -3.40 -11.87 -1.98
C LEU A 193 -4.74 -12.62 -1.90
N ALA A 194 -5.76 -12.03 -2.54
CA ALA A 194 -7.08 -12.61 -2.60
C ALA A 194 -6.99 -13.80 -3.55
N ASN A 195 -7.75 -14.88 -3.30
CA ASN A 195 -7.65 -16.05 -4.11
C ASN A 195 -8.14 -15.92 -5.58
N GLU A 196 -9.19 -15.13 -5.82
CA GLU A 196 -9.67 -14.96 -7.17
C GLU A 196 -8.54 -14.40 -8.01
N VAL A 197 -7.68 -13.54 -7.41
CA VAL A 197 -6.53 -12.97 -8.14
C VAL A 197 -5.46 -14.03 -8.42
N LEU A 198 -5.15 -14.89 -7.43
CA LEU A 198 -4.31 -16.08 -7.67
C LEU A 198 -4.87 -16.96 -8.81
N GLN A 199 -6.19 -17.14 -8.83
CA GLN A 199 -6.90 -17.93 -9.87
C GLN A 199 -7.11 -17.19 -11.21
N GLU A 200 -6.35 -16.12 -11.43
CA GLU A 200 -6.39 -15.24 -12.61
C GLU A 200 -7.79 -14.74 -13.01
N ASN A 201 -8.61 -14.49 -11.99
CA ASN A 201 -9.96 -13.98 -12.14
C ASN A 201 -10.12 -12.52 -11.69
N TYR A 202 -10.19 -11.64 -12.68
CA TYR A 202 -9.88 -10.21 -12.56
C TYR A 202 -11.16 -9.41 -12.74
N THR A 203 -12.28 -10.07 -12.50
CA THR A 203 -13.61 -9.48 -12.74
C THR A 203 -13.97 -8.38 -11.68
N HIS A 204 -13.43 -8.48 -10.46
CA HIS A 204 -13.64 -7.48 -9.41
C HIS A 204 -12.33 -7.11 -8.75
N LEU A 205 -11.42 -6.57 -9.54
CA LEU A 205 -10.11 -6.16 -9.02
C LEU A 205 -10.20 -5.26 -7.79
N PRO A 206 -11.11 -4.26 -7.77
CA PRO A 206 -11.09 -3.46 -6.54
C PRO A 206 -11.21 -4.23 -5.23
N LYS A 207 -11.93 -5.35 -5.23
CA LYS A 207 -12.22 -6.14 -4.02
C LYS A 207 -10.97 -6.91 -3.54
N ALA A 208 -9.95 -6.95 -4.37
CA ALA A 208 -8.71 -7.52 -3.93
C ALA A 208 -7.97 -6.45 -3.05
N ASP A 209 -8.14 -5.17 -3.33
CA ASP A 209 -7.53 -4.18 -2.47
C ASP A 209 -8.31 -4.18 -1.14
N ILE A 210 -9.63 -4.39 -1.23
CA ILE A 210 -10.41 -4.51 0.00
C ILE A 210 -9.93 -5.66 0.88
N PHE A 211 -9.83 -6.86 0.30
CA PHE A 211 -9.35 -8.08 1.01
C PHE A 211 -7.97 -7.75 1.67
N ALA A 212 -7.06 -7.09 0.94
CA ALA A 212 -5.68 -6.82 1.47
C ALA A 212 -5.67 -5.79 2.61
N LEU A 213 -6.58 -4.83 2.56
CA LEU A 213 -6.75 -3.89 3.64
C LEU A 213 -7.21 -4.52 4.98
N ALA A 214 -8.21 -5.38 4.95
CA ALA A 214 -8.67 -6.15 6.10
C ALA A 214 -7.50 -6.85 6.78
N LEU A 215 -6.65 -7.52 6.01
CA LEU A 215 -5.51 -8.24 6.56
C LEU A 215 -4.40 -7.31 7.07
N THR A 216 -4.29 -6.13 6.46
CA THR A 216 -3.43 -5.06 6.93
C THR A 216 -3.91 -4.63 8.33
N VAL A 217 -5.21 -4.45 8.49
CA VAL A 217 -5.79 -4.05 9.77
C VAL A 217 -5.60 -5.18 10.84
N VAL A 218 -5.74 -6.45 10.43
CA VAL A 218 -5.53 -7.61 11.33
C VAL A 218 -4.08 -7.61 11.87
N ALA A 220 -2.17 -5.01 12.16
CA ALA A 220 -2.12 -3.87 13.07
C ALA A 220 -2.76 -4.15 14.45
N ALA A 221 -3.73 -5.09 14.45
CA ALA A 221 -4.45 -5.52 15.68
C ALA A 221 -3.61 -6.45 16.55
N GLY A 222 -2.43 -6.81 16.04
CA GLY A 222 -1.51 -7.63 16.80
C GLY A 222 -1.42 -9.08 16.37
N ALA A 223 -2.04 -9.46 15.22
CA ALA A 223 -1.91 -10.83 14.65
C ALA A 223 -0.47 -11.30 14.50
N GLU A 224 -0.29 -12.63 14.57
CA GLU A 224 0.97 -13.28 14.17
C GLU A 224 1.26 -12.99 12.68
N PRO A 225 2.56 -13.06 12.24
CA PRO A 225 2.92 -12.86 10.80
C PRO A 225 2.07 -13.76 9.90
N LEU A 226 1.51 -13.20 8.83
CA LEU A 226 0.62 -13.94 7.96
C LEU A 226 1.39 -15.00 7.19
N PRO A 227 0.73 -16.14 6.86
CA PRO A 227 1.29 -17.20 6.05
C PRO A 227 1.42 -16.84 4.56
N ARG A 228 2.47 -17.34 3.90
CA ARG A 228 2.67 -17.11 2.45
C ARG A 228 2.00 -18.16 1.55
N ASN A 229 1.81 -19.37 2.11
CA ASN A 229 1.18 -20.53 1.46
C ASN A 229 0.81 -21.61 2.49
N GLY A 230 0.36 -22.78 2.02
CA GLY A 230 0.00 -23.84 2.95
C GLY A 230 -1.41 -23.72 3.50
N ASP A 231 -1.69 -24.50 4.52
CA ASP A 231 -3.08 -24.70 4.96
C ASP A 231 -3.69 -23.46 5.65
N GLN A 232 -2.88 -22.74 6.45
CA GLN A 232 -3.30 -21.45 7.08
C GLN A 232 -3.66 -20.37 6.03
N TRP A 233 -2.89 -20.31 4.95
CA TRP A 233 -3.21 -19.45 3.82
C TRP A 233 -4.61 -19.67 3.25
N HIS A 234 -4.91 -20.92 2.86
CA HIS A 234 -6.25 -21.33 2.38
C HIS A 234 -7.38 -21.15 3.38
N GLU A 235 -7.12 -21.38 4.67
CA GLU A 235 -8.13 -21.14 5.70
C GLU A 235 -8.57 -19.65 5.76
N ILE A 236 -7.63 -18.69 5.59
CA ILE A 236 -8.00 -17.26 5.55
C ILE A 236 -8.89 -16.96 4.31
N ARG A 237 -8.47 -17.45 3.15
CA ARG A 237 -9.18 -17.32 1.87
C ARG A 237 -10.57 -18.05 1.88
N GLN A 238 -10.79 -18.95 2.80
CA GLN A 238 -12.15 -19.37 3.04
C GLN A 238 -12.99 -18.36 3.85
N GLY A 239 -12.45 -17.19 4.20
CA GLY A 239 -13.20 -16.18 4.91
C GLY A 239 -13.05 -16.18 6.40
N ARG A 240 -12.01 -16.82 6.92
CA ARG A 240 -11.79 -16.89 8.38
C ARG A 240 -10.64 -15.98 8.89
N LEU A 241 -10.93 -15.02 9.78
CA LEU A 241 -9.94 -14.08 10.31
C LEU A 241 -8.82 -14.72 11.08
N PRO A 242 -7.54 -14.31 10.86
CA PRO A 242 -6.47 -14.80 11.75
C PRO A 242 -6.77 -14.44 13.23
N ARG A 243 -6.18 -15.15 14.18
CA ARG A 243 -6.37 -14.81 15.62
C ARG A 243 -5.84 -13.43 15.90
N ILE A 244 -6.64 -12.63 16.61
CA ILE A 244 -6.32 -11.25 17.07
C ILE A 244 -6.20 -11.29 18.59
N PRO A 245 -5.02 -10.89 19.15
CA PRO A 245 -4.78 -11.00 20.57
C PRO A 245 -5.40 -9.83 21.39
N GLN A 246 -6.62 -9.43 21.10
CA GLN A 246 -7.35 -8.33 21.78
C GLN A 246 -8.86 -8.44 21.46
N VAL A 247 -9.70 -7.93 22.36
CA VAL A 247 -11.12 -8.05 22.21
C VAL A 247 -11.60 -6.91 21.32
N LEU A 248 -12.21 -7.25 20.18
CA LEU A 248 -12.82 -6.24 19.31
C LEU A 248 -14.36 -6.31 19.38
N SER A 249 -15.06 -5.19 19.16
CA SER A 249 -16.51 -5.24 19.02
C SER A 249 -16.89 -6.24 17.93
N GLN A 250 -17.97 -6.98 18.17
CA GLN A 250 -18.59 -7.87 17.18
C GLN A 250 -18.83 -7.17 15.83
N GLU A 251 -19.30 -5.92 15.87
CA GLU A 251 -19.57 -5.23 14.63
C GLU A 251 -18.28 -5.04 13.84
N PHE A 252 -17.19 -4.70 14.55
CA PHE A 252 -15.91 -4.37 13.91
C PHE A 252 -15.34 -5.63 13.29
N THR A 253 -15.30 -6.66 14.09
CA THR A 253 -14.91 -7.98 13.67
C THR A 253 -15.70 -8.54 12.47
N GLU A 254 -17.05 -8.40 12.48
CA GLU A 254 -17.92 -8.68 11.34
C GLU A 254 -17.51 -7.93 10.08
N LEU A 255 -17.12 -6.65 10.22
CA LEU A 255 -16.77 -5.87 9.05
C LEU A 255 -15.43 -6.36 8.48
N LEU A 256 -14.41 -6.54 9.29
CA LEU A 256 -13.18 -7.24 8.86
C LEU A 256 -13.43 -8.60 8.12
N LYS A 257 -14.37 -9.38 8.63
CA LYS A 257 -14.65 -10.72 8.10
C LYS A 257 -15.34 -10.67 6.77
N VAL A 258 -16.31 -9.76 6.65
CA VAL A 258 -16.90 -9.51 5.39
C VAL A 258 -15.89 -9.01 4.32
N MET A 259 -14.87 -8.23 4.73
CA MET A 259 -13.80 -7.75 3.86
C MET A 259 -12.91 -8.84 3.31
N ILE A 260 -12.88 -10.02 3.95
CA ILE A 260 -12.11 -11.17 3.41
C ILE A 260 -13.06 -12.30 2.90
N HIS A 261 -14.34 -11.99 2.67
CA HIS A 261 -15.27 -12.97 2.16
C HIS A 261 -14.76 -13.63 0.86
N PRO A 262 -14.83 -15.01 0.75
CA PRO A 262 -14.45 -15.71 -0.50
C PRO A 262 -15.09 -15.18 -1.79
N ASP A 263 -16.35 -14.73 -1.73
CA ASP A 263 -17.01 -14.10 -2.85
C ASP A 263 -16.66 -12.60 -2.88
N PRO A 264 -15.86 -12.18 -3.88
CA PRO A 264 -15.44 -10.83 -3.77
C PRO A 264 -16.56 -9.82 -3.93
N GLU A 265 -17.73 -10.24 -4.49
CA GLU A 265 -18.89 -9.34 -4.66
C GLU A 265 -19.53 -9.01 -3.30
N ARG A 266 -19.24 -9.87 -2.29
CA ARG A 266 -19.72 -9.66 -0.91
C ARG A 266 -18.92 -8.64 -0.13
N ARG A 267 -17.67 -8.46 -0.52
CA ARG A 267 -16.76 -7.52 0.13
C ARG A 267 -17.27 -6.09 -0.10
N PRO A 268 -17.17 -5.21 0.91
CA PRO A 268 -17.66 -3.85 0.54
C PRO A 268 -16.74 -3.13 -0.46
N SER A 269 -17.28 -2.20 -1.25
CA SER A 269 -16.44 -1.39 -2.09
C SER A 269 -15.80 -0.39 -1.12
N ALA A 270 -14.88 0.44 -1.60
CA ALA A 270 -14.22 1.41 -0.77
C ALA A 270 -15.16 2.52 -0.35
N MET A 271 -16.14 2.85 -1.18
CA MET A 271 -17.14 3.83 -0.85
C MET A 271 -18.09 3.32 0.24
N ALA A 272 -18.52 2.05 0.13
CA ALA A 272 -19.35 1.48 1.12
C ALA A 272 -18.59 1.36 2.48
N LEU A 273 -17.29 1.02 2.45
CA LEU A 273 -16.41 1.02 3.62
C LEU A 273 -16.34 2.38 4.35
N VAL A 274 -16.05 3.46 3.62
CA VAL A 274 -15.91 4.73 4.33
C VAL A 274 -17.18 5.32 4.84
N LYS A 275 -18.30 4.95 4.22
CA LYS A 275 -19.62 5.33 4.70
C LYS A 275 -20.18 4.28 5.70
N HIS A 276 -19.42 3.25 6.07
CA HIS A 276 -19.93 2.18 6.97
C HIS A 276 -20.26 2.73 8.36
N SER A 277 -21.29 2.19 8.99
CA SER A 277 -21.75 2.69 10.29
C SER A 277 -20.71 2.47 11.40
N VAL A 278 -20.01 1.34 11.31
CA VAL A 278 -18.96 0.98 12.24
C VAL A 278 -17.85 2.04 12.28
N LEU A 279 -17.58 2.72 11.17
CA LEU A 279 -16.50 3.71 11.05
C LEU A 279 -16.99 5.15 11.28
N LEU A 280 -18.30 5.34 11.37
CA LEU A 280 -18.87 6.66 11.68
C LEU A 280 -18.23 7.28 12.95
N SER A 281 -18.20 6.50 14.05
CA SER A 281 -17.05 6.38 15.01
C SER A 281 -17.18 5.22 16.08
#